data_7HJN
#
_entry.id   7HJN
#
_cell.length_a   26.092
_cell.length_b   47.169
_cell.length_c   46.385
_cell.angle_alpha   90.000
_cell.angle_beta   103.050
_cell.angle_gamma   90.000
#
_symmetry.space_group_name_H-M   'P 1 21 1'
#
loop_
_entity.id
_entity.type
_entity.pdbx_description
1 polymer 'De novo designed ABLE protein'
2 non-polymer 2-(5-fluoro-1H-indol-3-yl)ethan-1-amine
3 water water
#
_entity_poly.entity_id   1
_entity_poly.type   'polypeptide(L)'
_entity_poly.pdbx_seq_one_letter_code
;SVKSEYAEAAAVGQEAVAVFNTMKAAFQNGDKEAVAQYLARLASLYTRHEELLNRILEKARREGNKEAVTLMNEFTATFQ
TGKSIFNAMVAAFKNGDDDSFESYLQALEKVTAKGETLADQIAKAL
;
_entity_poly.pdbx_strand_id   A
#
loop_
_chem_comp.id
_chem_comp.type
_chem_comp.name
_chem_comp.formula
A1BC2 non-polymer 2-(5-fluoro-1H-indol-3-yl)ethan-1-amine 'C10 H11 F N2'
#
# COMPACT_ATOMS: atom_id res chain seq x y z
N SER A 1 16.99 -13.63 8.55
N SER A 1 16.78 -14.01 8.51
CA SER A 1 17.18 -13.98 7.13
CA SER A 1 17.18 -14.06 7.08
C SER A 1 16.40 -13.01 6.28
C SER A 1 16.42 -13.01 6.29
N VAL A 2 16.73 -12.94 4.99
CA VAL A 2 15.93 -12.09 4.10
C VAL A 2 14.50 -12.60 4.09
N LYS A 3 14.30 -13.90 4.33
N LYS A 3 14.31 -13.90 4.32
CA LYS A 3 12.96 -14.47 4.27
CA LYS A 3 12.97 -14.47 4.26
C LYS A 3 12.14 -14.05 5.48
C LYS A 3 12.14 -14.06 5.48
N SER A 4 12.75 -14.01 6.67
N SER A 4 12.77 -14.01 6.65
CA SER A 4 12.05 -13.44 7.82
CA SER A 4 12.08 -13.45 7.82
C SER A 4 11.88 -11.93 7.66
C SER A 4 11.89 -11.95 7.67
N GLU A 5 12.83 -11.27 7.01
CA GLU A 5 12.62 -9.86 6.71
C GLU A 5 11.43 -9.67 5.77
N TYR A 6 11.20 -10.60 4.86
CA TYR A 6 10.06 -10.46 3.97
C TYR A 6 8.74 -10.72 4.72
N ALA A 7 8.73 -11.69 5.62
CA ALA A 7 7.54 -11.91 6.45
C ALA A 7 7.19 -10.67 7.26
N GLU A 8 8.20 -10.01 7.82
CA GLU A 8 7.97 -8.77 8.54
C GLU A 8 7.41 -7.69 7.63
N ALA A 9 7.94 -7.57 6.41
CA ALA A 9 7.40 -6.59 5.49
C ALA A 9 6.00 -6.97 5.05
N ALA A 10 5.73 -8.26 4.88
CA ALA A 10 4.40 -8.70 4.52
C ALA A 10 3.40 -8.34 5.63
N ALA A 11 3.83 -8.44 6.89
CA ALA A 11 2.93 -8.11 7.98
C ALA A 11 2.63 -6.61 7.99
N VAL A 12 3.66 -5.79 7.76
CA VAL A 12 3.41 -4.36 7.66
C VAL A 12 2.43 -4.08 6.52
N GLY A 13 2.55 -4.79 5.41
CA GLY A 13 1.57 -4.62 4.34
C GLY A 13 0.15 -4.99 4.75
N GLN A 14 -0.01 -6.10 5.48
CA GLN A 14 -1.35 -6.47 5.93
C GLN A 14 -1.92 -5.45 6.91
N GLU A 15 -1.06 -4.82 7.72
CA GLU A 15 -1.53 -3.78 8.60
C GLU A 15 -2.11 -2.61 7.81
N ALA A 16 -1.45 -2.23 6.73
CA ALA A 16 -2.01 -1.18 5.89
C ALA A 16 -3.33 -1.60 5.26
N VAL A 17 -3.49 -2.89 4.92
CA VAL A 17 -4.77 -3.36 4.41
C VAL A 17 -5.87 -3.18 5.45
N ALA A 18 -5.59 -3.56 6.70
CA ALA A 18 -6.59 -3.44 7.74
C ALA A 18 -6.98 -1.99 7.95
N VAL A 19 -6.00 -1.10 8.05
CA VAL A 19 -6.30 0.30 8.28
C VAL A 19 -6.98 0.92 7.06
N PHE A 20 -6.54 0.52 5.87
CA PHE A 20 -7.20 0.99 4.67
C PHE A 20 -8.69 0.65 4.69
N ASN A 21 -9.02 -0.60 5.03
N ASN A 21 -9.03 -0.56 5.13
CA ASN A 21 -10.43 -0.99 4.99
CA ASN A 21 -10.44 -0.96 5.15
C ASN A 21 -11.24 -0.29 6.07
C ASN A 21 -11.24 -0.17 6.19
N THR A 22 -10.64 -0.02 7.23
N THR A 22 -10.67 0.07 7.38
CA THR A 22 -11.32 0.80 8.22
CA THR A 22 -11.39 0.89 8.36
C THR A 22 -11.53 2.22 7.70
C THR A 22 -11.44 2.36 7.94
N MET A 23 -10.52 2.77 7.05
N MET A 23 -10.48 2.80 7.12
CA MET A 23 -10.62 4.13 6.51
CA MET A 23 -10.56 4.13 6.53
C MET A 23 -11.73 4.22 5.46
C MET A 23 -11.68 4.18 5.48
N LYS A 24 -11.84 3.20 4.62
N LYS A 24 -11.79 3.13 4.66
CA LYS A 24 -12.91 3.20 3.61
CA LYS A 24 -12.83 3.09 3.65
C LYS A 24 -14.27 3.30 4.28
C LYS A 24 -14.23 3.18 4.27
N ALA A 25 -14.49 2.49 5.33
N ALA A 25 -14.44 2.47 5.38
CA ALA A 25 -15.74 2.56 6.06
CA ALA A 25 -15.74 2.55 6.06
C ALA A 25 -15.98 3.96 6.62
C ALA A 25 -15.97 3.96 6.61
N ALA A 26 -14.94 4.55 7.23
CA ALA A 26 -15.09 5.90 7.76
C ALA A 26 -15.41 6.91 6.66
N PHE A 27 -14.73 6.81 5.50
CA PHE A 27 -15.04 7.68 4.38
C PHE A 27 -16.51 7.56 3.97
N GLN A 28 -16.98 6.34 3.78
CA GLN A 28 -18.37 6.13 3.39
C GLN A 28 -19.32 6.73 4.42
N ASN A 29 -18.99 6.60 5.70
CA ASN A 29 -19.80 7.17 6.79
C ASN A 29 -19.65 8.68 6.96
N GLY A 30 -18.77 9.33 6.22
CA GLY A 30 -18.60 10.77 6.39
C GLY A 30 -17.91 11.18 7.67
N ASP A 31 -17.19 10.26 8.34
CA ASP A 31 -16.41 10.55 9.55
C ASP A 31 -15.04 11.05 9.10
N LYS A 32 -15.00 12.34 8.76
N LYS A 32 -15.00 12.34 8.75
CA LYS A 32 -13.80 12.92 8.15
CA LYS A 32 -13.80 12.91 8.14
C LYS A 32 -12.65 13.03 9.14
C LYS A 32 -12.65 13.01 9.13
N GLU A 33 -12.95 13.23 10.42
N GLU A 33 -12.95 13.22 10.41
CA GLU A 33 -11.88 13.29 11.41
CA GLU A 33 -11.87 13.29 11.41
C GLU A 33 -11.17 11.95 11.51
C GLU A 33 -11.17 11.95 11.55
N ALA A 34 -11.93 10.86 11.45
CA ALA A 34 -11.32 9.54 11.50
C ALA A 34 -10.50 9.31 10.24
N VAL A 35 -11.05 9.65 9.08
CA VAL A 35 -10.32 9.46 7.82
C VAL A 35 -8.96 10.16 7.89
N ALA A 36 -8.95 11.42 8.34
CA ALA A 36 -7.69 12.16 8.42
C ALA A 36 -6.64 11.39 9.22
N GLN A 37 -7.04 10.84 10.36
CA GLN A 37 -6.12 10.10 11.19
C GLN A 37 -5.64 8.82 10.52
N TYR A 38 -6.57 8.08 9.90
CA TYR A 38 -6.19 6.86 9.20
C TYR A 38 -5.25 7.14 8.05
N LEU A 39 -5.44 8.25 7.33
CA LEU A 39 -4.53 8.55 6.23
C LEU A 39 -3.12 8.83 6.75
N ALA A 40 -3.01 9.53 7.88
CA ALA A 40 -1.68 9.69 8.49
C ALA A 40 -1.08 8.33 8.85
N ARG A 41 -1.89 7.47 9.46
CA ARG A 41 -1.43 6.13 9.81
C ARG A 41 -0.98 5.35 8.57
N LEU A 42 -1.76 5.41 7.48
N LEU A 42 -1.77 5.40 7.49
CA LEU A 42 -1.37 4.72 6.27
CA LEU A 42 -1.38 4.71 6.26
C LEU A 42 -0.09 5.29 5.66
C LEU A 42 -0.10 5.30 5.67
N ALA A 43 0.11 6.61 5.71
N ALA A 43 0.10 6.61 5.76
CA ALA A 43 1.33 7.18 5.15
CA ALA A 43 1.32 7.20 5.24
C ALA A 43 2.55 6.61 5.87
C ALA A 43 2.53 6.66 5.99
N SER A 44 2.48 6.51 7.19
N SER A 44 2.42 6.51 7.31
CA SER A 44 3.60 5.94 7.94
CA SER A 44 3.54 5.98 8.09
C SER A 44 3.80 4.47 7.59
C SER A 44 3.77 4.51 7.79
N LEU A 45 2.70 3.72 7.49
N LEU A 45 2.69 3.75 7.57
CA LEU A 45 2.80 2.29 7.15
CA LEU A 45 2.85 2.33 7.25
C LEU A 45 3.42 2.08 5.78
C LEU A 45 3.47 2.16 5.87
N TYR A 46 2.97 2.86 4.78
N TYR A 46 2.97 2.89 4.87
CA TYR A 46 3.55 2.71 3.45
CA TYR A 46 3.51 2.74 3.52
C TYR A 46 5.01 3.14 3.41
C TYR A 46 4.97 3.17 3.46
N THR A 47 5.36 4.19 4.17
N THR A 47 5.35 4.20 4.20
CA THR A 47 6.76 4.63 4.19
CA THR A 47 6.75 4.64 4.21
C THR A 47 7.65 3.55 4.79
C THR A 47 7.64 3.56 4.80
N ARG A 48 7.17 2.90 5.86
CA ARG A 48 7.92 1.80 6.45
C ARG A 48 7.98 0.59 5.51
N HIS A 49 6.87 0.22 4.87
CA HIS A 49 6.88 -0.92 3.96
C HIS A 49 7.85 -0.68 2.80
N GLU A 50 7.82 0.52 2.21
CA GLU A 50 8.69 0.83 1.08
C GLU A 50 10.16 0.66 1.46
N GLU A 51 10.52 1.08 2.67
CA GLU A 51 11.90 0.97 3.13
C GLU A 51 12.31 -0.48 3.36
N LEU A 52 11.41 -1.30 3.93
CA LEU A 52 11.70 -2.70 4.10
C LEU A 52 11.82 -3.42 2.77
N LEU A 53 11.00 -3.06 1.79
CA LEU A 53 11.10 -3.68 0.48
C LEU A 53 12.41 -3.35 -0.19
N ASN A 54 12.89 -2.10 -0.03
CA ASN A 54 14.16 -1.73 -0.64
C ASN A 54 15.31 -2.50 -0.02
N ARG A 55 15.33 -2.65 1.30
CA ARG A 55 16.38 -3.42 1.96
C ARG A 55 16.35 -4.87 1.50
N ILE A 56 15.16 -5.43 1.34
CA ILE A 56 15.05 -6.80 0.81
C ILE A 56 15.60 -6.87 -0.61
N LEU A 57 15.24 -5.90 -1.47
CA LEU A 57 15.72 -5.95 -2.85
C LEU A 57 17.23 -5.81 -2.91
N GLU A 58 17.79 -4.88 -2.15
CA GLU A 58 19.23 -4.68 -2.15
C GLU A 58 19.96 -5.92 -1.66
N LYS A 59 19.40 -6.57 -0.63
CA LYS A 59 19.98 -7.79 -0.11
C LYS A 59 19.94 -8.91 -1.15
N ALA A 60 18.79 -9.11 -1.80
CA ALA A 60 18.74 -10.09 -2.88
C ALA A 60 19.79 -9.80 -3.96
N ARG A 61 19.99 -8.51 -4.32
CA ARG A 61 21.03 -8.16 -5.29
C ARG A 61 22.41 -8.56 -4.79
N ARG A 62 22.74 -8.22 -3.54
CA ARG A 62 24.03 -8.58 -2.96
C ARG A 62 24.22 -10.10 -2.91
N GLU A 63 23.13 -10.84 -2.73
CA GLU A 63 23.15 -12.31 -2.70
C GLU A 63 23.22 -12.93 -4.10
N GLY A 64 23.14 -12.12 -5.15
CA GLY A 64 23.07 -12.69 -6.50
C GLY A 64 21.83 -13.54 -6.76
N ASN A 65 20.73 -13.31 -6.04
CA ASN A 65 19.49 -14.09 -6.23
C ASN A 65 18.70 -13.48 -7.38
N LYS A 66 19.07 -13.86 -8.60
CA LYS A 66 18.57 -13.14 -9.77
C LYS A 66 17.05 -13.23 -9.89
N GLU A 67 16.47 -14.39 -9.63
CA GLU A 67 15.01 -14.51 -9.75
C GLU A 67 14.32 -13.64 -8.71
N ALA A 68 14.82 -13.61 -7.49
CA ALA A 68 14.21 -12.76 -6.49
C ALA A 68 14.34 -11.28 -6.86
N VAL A 69 15.47 -10.90 -7.44
CA VAL A 69 15.68 -9.51 -7.86
C VAL A 69 14.70 -9.14 -8.96
N THR A 70 14.51 -10.03 -9.93
CA THR A 70 13.53 -9.79 -11.00
C THR A 70 12.16 -9.53 -10.41
N LEU A 71 11.68 -10.43 -9.54
CA LEU A 71 10.34 -10.32 -8.98
C LEU A 71 10.20 -9.07 -8.11
N MET A 72 11.24 -8.76 -7.33
CA MET A 72 11.20 -7.58 -6.47
C MET A 72 11.24 -6.29 -7.28
N ASN A 73 12.01 -6.25 -8.37
CA ASN A 73 11.96 -5.09 -9.28
C ASN A 73 10.53 -4.87 -9.79
N GLU A 74 9.86 -5.93 -10.25
CA GLU A 74 8.48 -5.80 -10.71
C GLU A 74 7.57 -5.36 -9.57
N PHE A 75 7.80 -5.90 -8.37
CA PHE A 75 6.93 -5.62 -7.25
C PHE A 75 7.09 -4.19 -6.78
N THR A 76 8.33 -3.71 -6.67
CA THR A 76 8.54 -2.33 -6.22
C THR A 76 8.03 -1.30 -7.22
N ALA A 77 8.07 -1.63 -8.52
CA ALA A 77 7.43 -0.77 -9.53
C ALA A 77 5.93 -0.65 -9.30
N THR A 78 5.25 -1.77 -9.16
N THR A 78 5.24 -1.78 -9.14
CA THR A 78 3.82 -1.75 -8.85
CA THR A 78 3.82 -1.75 -8.85
C THR A 78 3.56 -1.01 -7.53
C THR A 78 3.55 -1.05 -7.52
N PHE A 79 4.45 -1.20 -6.54
CA PHE A 79 4.28 -0.51 -5.27
C PHE A 79 4.27 1.00 -5.47
N GLN A 80 5.14 1.52 -6.35
CA GLN A 80 5.15 2.97 -6.59
C GLN A 80 3.85 3.44 -7.25
N THR A 81 3.23 2.59 -8.08
CA THR A 81 1.92 2.92 -8.64
C THR A 81 0.90 3.10 -7.51
N GLY A 82 0.89 2.17 -6.56
CA GLY A 82 0.03 2.32 -5.39
C GLY A 82 0.34 3.60 -4.64
N LYS A 83 1.61 3.89 -4.44
CA LYS A 83 1.99 5.08 -3.68
C LYS A 83 1.50 6.35 -4.37
N SER A 84 1.66 6.45 -5.70
CA SER A 84 1.18 7.63 -6.41
C SER A 84 -0.34 7.77 -6.26
N ILE A 85 -1.07 6.67 -6.36
CA ILE A 85 -2.51 6.74 -6.25
C ILE A 85 -2.88 7.15 -4.83
N PHE A 86 -2.20 6.57 -3.83
CA PHE A 86 -2.41 6.95 -2.44
C PHE A 86 -2.19 8.44 -2.25
N ASN A 87 -1.07 8.97 -2.73
CA ASN A 87 -0.82 10.40 -2.55
C ASN A 87 -1.92 11.23 -3.23
N ALA A 88 -2.40 10.79 -4.38
CA ALA A 88 -3.49 11.52 -5.04
C ALA A 88 -4.76 11.44 -4.21
N MET A 89 -4.98 10.30 -3.56
CA MET A 89 -6.11 10.16 -2.65
C MET A 89 -6.03 11.18 -1.54
N VAL A 90 -4.84 11.30 -0.93
CA VAL A 90 -4.65 12.23 0.18
C VAL A 90 -4.92 13.64 -0.26
N ALA A 91 -4.46 14.00 -1.46
CA ALA A 91 -4.71 15.34 -1.99
C ALA A 91 -6.20 15.57 -2.22
N ALA A 92 -6.91 14.56 -2.72
CA ALA A 92 -8.33 14.68 -2.93
C ALA A 92 -9.06 14.86 -1.61
N PHE A 93 -8.57 14.24 -0.55
CA PHE A 93 -9.15 14.45 0.77
C PHE A 93 -8.91 15.88 1.23
N LYS A 94 -7.69 16.38 1.05
N LYS A 94 -7.69 16.38 1.06
CA LYS A 94 -7.37 17.74 1.44
CA LYS A 94 -7.38 17.75 1.44
C LYS A 94 -8.23 18.74 0.67
C LYS A 94 -8.24 18.73 0.67
N ASN A 95 -8.44 18.49 -0.63
CA ASN A 95 -9.22 19.36 -1.50
C ASN A 95 -10.73 19.26 -1.32
N GLY A 96 -11.19 18.30 -0.52
CA GLY A 96 -12.62 18.02 -0.41
C GLY A 96 -13.26 17.43 -1.65
N ASP A 97 -12.49 16.78 -2.51
N ASP A 97 -12.48 16.78 -2.51
CA ASP A 97 -12.99 16.23 -3.77
CA ASP A 97 -12.99 16.23 -3.76
C ASP A 97 -13.37 14.76 -3.56
C ASP A 97 -13.35 14.76 -3.53
N ASP A 98 -14.60 14.52 -3.11
CA ASP A 98 -15.01 13.17 -2.76
C ASP A 98 -15.10 12.27 -3.99
N ASP A 99 -15.42 12.83 -5.15
N ASP A 99 -15.38 12.84 -5.15
CA ASP A 99 -15.48 12.02 -6.36
CA ASP A 99 -15.43 12.06 -6.38
C ASP A 99 -14.11 11.43 -6.70
C ASP A 99 -14.06 11.48 -6.70
N SER A 100 -13.08 12.27 -6.70
N SER A 100 -13.03 12.31 -6.69
CA SER A 100 -11.73 11.77 -6.93
CA SER A 100 -11.68 11.82 -6.96
C SER A 100 -11.31 10.79 -5.84
C SER A 100 -11.22 10.86 -5.86
N PHE A 101 -11.59 11.11 -4.58
N PHE A 101 -11.55 11.14 -4.61
CA PHE A 101 -11.24 10.20 -3.49
CA PHE A 101 -11.15 10.27 -3.52
C PHE A 101 -11.81 8.80 -3.72
C PHE A 101 -11.67 8.85 -3.72
N GLU A 102 -13.09 8.73 -4.11
N GLU A 102 -12.96 8.71 -4.04
CA GLU A 102 -13.72 7.46 -4.43
CA GLU A 102 -13.56 7.39 -4.19
C GLU A 102 -12.97 6.76 -5.56
C GLU A 102 -13.01 6.66 -5.41
N SER A 103 -12.74 7.47 -6.66
N SER A 103 -12.70 7.40 -6.48
CA SER A 103 -12.03 6.90 -7.80
CA SER A 103 -12.00 6.81 -7.62
C SER A 103 -10.67 6.35 -7.37
C SER A 103 -10.65 6.23 -7.19
N TYR A 104 -9.83 7.20 -6.78
N TYR A 104 -9.83 7.04 -6.53
CA TYR A 104 -8.52 6.75 -6.33
CA TYR A 104 -8.52 6.56 -6.07
C TYR A 104 -8.62 5.56 -5.38
C TYR A 104 -8.67 5.41 -5.08
N LEU A 105 -9.62 5.55 -4.50
N LEU A 105 -9.71 5.44 -4.25
CA LEU A 105 -9.74 4.45 -3.55
CA LEU A 105 -9.95 4.34 -3.33
C LEU A 105 -9.96 3.12 -4.26
C LEU A 105 -10.11 3.02 -4.10
N GLN A 106 -10.92 3.08 -5.20
N GLN A 106 -10.93 3.04 -5.16
CA GLN A 106 -11.14 1.86 -5.97
CA GLN A 106 -11.13 1.82 -5.95
C GLN A 106 -9.88 1.44 -6.72
C GLN A 106 -9.86 1.43 -6.70
N ALA A 107 -9.17 2.40 -7.30
CA ALA A 107 -7.97 2.07 -8.08
C ALA A 107 -6.90 1.46 -7.18
N LEU A 108 -6.69 2.04 -6.00
CA LEU A 108 -5.69 1.51 -5.09
C LEU A 108 -6.03 0.06 -4.71
N GLU A 109 -7.32 -0.25 -4.58
CA GLU A 109 -7.73 -1.63 -4.28
C GLU A 109 -7.37 -2.59 -5.41
N LYS A 110 -7.58 -2.19 -6.67
CA LYS A 110 -7.30 -3.09 -7.78
C LYS A 110 -5.80 -3.25 -7.99
N VAL A 111 -5.03 -2.17 -7.80
N VAL A 111 -5.03 -2.18 -7.79
CA VAL A 111 -3.58 -2.27 -7.87
CA VAL A 111 -3.58 -2.26 -7.85
C VAL A 111 -3.04 -3.16 -6.77
C VAL A 111 -3.06 -3.18 -6.75
N THR A 112 -3.67 -3.13 -5.59
N THR A 112 -3.68 -3.13 -5.57
CA THR A 112 -3.22 -3.96 -4.48
CA THR A 112 -3.23 -3.96 -4.46
C THR A 112 -3.64 -5.42 -4.67
C THR A 112 -3.64 -5.43 -4.66
N ALA A 113 -4.85 -5.65 -5.17
CA ALA A 113 -5.28 -7.02 -5.45
C ALA A 113 -4.42 -7.64 -6.56
N LYS A 114 -4.19 -6.89 -7.63
N LYS A 114 -4.18 -6.88 -7.63
CA LYS A 114 -3.41 -7.43 -8.75
CA LYS A 114 -3.41 -7.43 -8.75
C LYS A 114 -2.04 -7.88 -8.30
C LYS A 114 -2.03 -7.88 -8.31
N GLY A 115 -1.41 -7.13 -7.40
CA GLY A 115 -0.03 -7.41 -7.02
C GLY A 115 0.16 -8.46 -5.96
N GLU A 116 -0.84 -9.33 -5.75
N GLU A 116 -0.83 -9.33 -5.74
CA GLU A 116 -0.74 -10.29 -4.66
CA GLU A 116 -0.73 -10.29 -4.65
C GLU A 116 -0.16 -11.63 -5.08
C GLU A 116 -0.17 -11.64 -5.07
N THR A 117 -0.41 -12.07 -6.31
CA THR A 117 0.24 -13.30 -6.75
C THR A 117 1.74 -13.10 -6.84
N LEU A 118 2.18 -11.91 -7.26
CA LEU A 118 3.60 -11.60 -7.25
C LEU A 118 4.15 -11.58 -5.84
N ALA A 119 3.42 -10.96 -4.90
CA ALA A 119 3.85 -10.94 -3.50
C ALA A 119 4.07 -12.36 -2.98
N ASP A 120 3.20 -13.30 -3.34
CA ASP A 120 3.40 -14.66 -2.89
C ASP A 120 4.57 -15.32 -3.58
N GLN A 121 4.83 -14.97 -4.84
N GLN A 121 4.82 -14.99 -4.86
CA GLN A 121 5.98 -15.54 -5.57
CA GLN A 121 5.98 -15.52 -5.56
C GLN A 121 7.31 -15.09 -4.96
C GLN A 121 7.27 -15.14 -4.85
N ILE A 122 7.38 -13.87 -4.44
CA ILE A 122 8.61 -13.39 -3.85
C ILE A 122 8.94 -14.19 -2.61
N ALA A 123 7.94 -14.41 -1.76
CA ALA A 123 8.15 -15.19 -0.54
C ALA A 123 8.83 -16.52 -0.87
N LYS A 124 8.40 -17.17 -1.94
CA LYS A 124 8.97 -18.46 -2.30
C LYS A 124 10.37 -18.32 -2.89
N ALA A 125 10.65 -17.19 -3.52
CA ALA A 125 11.92 -17.05 -4.24
C ALA A 125 13.07 -16.67 -3.32
N LEU A 126 12.79 -16.01 -2.22
CA LEU A 126 13.85 -15.37 -1.45
C LEU A 126 14.81 -16.38 -0.83
N2 A1BC2 B . -15.75 8.24 -8.79
C3 A1BC2 B . -18.61 9.71 -8.53
C6 A1BC2 B . -19.21 11.94 -5.69
C9 A1BC2 B . -18.17 9.35 -5.94
C1 A1BC2 B . -17.08 7.66 -8.57
C10 A1BC2 B . -18.58 10.02 -7.12
C2 A1BC2 B . -18.18 8.48 -9.27
C4 A1BC2 B . -19.13 10.82 -9.15
C5 A1BC2 B . -19.10 11.34 -6.94
C7 A1BC2 B . -18.81 11.25 -4.54
C8 A1BC2 B . -18.28 9.96 -4.69
F1 A1BC2 B . -17.89 9.30 -3.58
N1 A1BC2 B . -19.43 11.79 -8.20
H12 A1BC2 B . -15.74 9.20 -8.47
H11 A1BC2 B . -15.54 8.22 -9.78
H8 A1BC2 B . -19.62 12.92 -5.59
H10 A1BC2 B . -17.76 8.35 -6.00
H3 A1BC2 B . -17.26 7.56 -7.51
H2 A1BC2 B . -17.09 6.66 -8.96
H4 A1BC2 B . -19.05 7.84 -9.41
H5 A1BC2 B . -17.84 8.75 -10.27
H6 A1BC2 B . -19.33 11.01 -10.20
H9 A1BC2 B . -18.88 11.68 -3.56
H7 A1BC2 B . -19.83 12.69 -8.43
H13 A1BC2 B . -15.06 7.71 -8.29
#